data_7EZY
#
_entry.id   7EZY
#
_cell.length_a   64.130
_cell.length_b   64.130
_cell.length_c   135.520
_cell.angle_alpha   90.000
_cell.angle_beta   90.000
_cell.angle_gamma   90.000
#
_symmetry.space_group_name_H-M   'P 41 21 2'
#
loop_
_entity.id
_entity.type
_entity.pdbx_description
1 polymer 'anti-CRISPR-associated Aca2'
2 water water
#
_entity_poly.entity_id   1
_entity_poly.type   'polypeptide(L)'
_entity_poly.pdbx_seq_one_letter_code
;MTHYELQALRKLLMLEVSEAAREIGDVSPRSWQYWESGRSPVPDDVANQIRNLTDMRYQLLELRTEQIEKAGKPIQLNFY
RTLDDYEAVTGKRDVVSWRLTQAVAATLFAEGDVTLVEQGGLTLE
;
_entity_poly.pdbx_strand_id   A,B
#
# COMPACT_ATOMS: atom_id res chain seq x y z
N MET A 1 -4.57 9.97 17.41
CA MET A 1 -3.74 9.38 16.37
C MET A 1 -2.92 10.51 15.74
N THR A 2 -1.63 10.26 15.51
CA THR A 2 -0.73 11.28 14.99
C THR A 2 -0.89 11.42 13.48
N HIS A 3 -0.24 12.47 12.93
CA HIS A 3 -0.35 12.73 11.50
C HIS A 3 0.28 11.61 10.67
N TYR A 4 1.42 11.06 11.11
CA TYR A 4 2.07 10.01 10.33
C TYR A 4 1.41 8.64 10.53
N GLU A 5 0.82 8.37 11.70
CA GLU A 5 -0.03 7.18 11.86
C GLU A 5 -1.21 7.22 10.90
N LEU A 6 -1.90 8.37 10.87
CA LEU A 6 -3.02 8.55 9.94
C LEU A 6 -2.55 8.33 8.49
N GLN A 7 -1.47 8.99 8.07
CA GLN A 7 -1.00 8.85 6.69
C GLN A 7 -0.58 7.42 6.37
N ALA A 8 0.16 6.77 7.28
CA ALA A 8 0.62 5.42 7.01
C ALA A 8 -0.57 4.50 6.75
N LEU A 9 -1.61 4.60 7.58
CA LEU A 9 -2.78 3.73 7.37
C LEU A 9 -3.56 4.11 6.12
N ARG A 10 -3.74 5.42 5.89
CA ARG A 10 -4.46 5.88 4.71
C ARG A 10 -3.78 5.38 3.44
N LYS A 11 -2.43 5.45 3.39
CA LYS A 11 -1.71 4.97 2.21
C LYS A 11 -1.82 3.44 2.11
N LEU A 12 -1.71 2.74 3.25
CA LEU A 12 -1.78 1.27 3.25
C LEU A 12 -3.11 0.77 2.69
N LEU A 13 -4.21 1.33 3.20
CA LEU A 13 -5.47 1.20 2.52
C LEU A 13 -5.23 1.95 1.24
N MET A 14 -5.74 1.54 0.11
CA MET A 14 -5.10 2.28 -0.99
C MET A 14 -5.94 3.50 -1.39
N LEU A 15 -6.13 4.35 -0.39
CA LEU A 15 -6.95 5.53 -0.54
C LEU A 15 -6.15 6.71 -1.10
N GLU A 16 -6.74 7.40 -2.06
CA GLU A 16 -6.21 8.70 -2.43
C GLU A 16 -6.61 9.74 -1.37
N VAL A 17 -5.82 10.81 -1.27
CA VAL A 17 -6.15 11.87 -0.31
C VAL A 17 -7.56 12.39 -0.55
N SER A 18 -7.94 12.61 -1.82
CA SER A 18 -9.27 13.15 -2.12
C SER A 18 -10.37 12.17 -1.71
N GLU A 19 -10.14 10.88 -1.89
CA GLU A 19 -11.13 9.88 -1.52
C GLU A 19 -11.28 9.81 -0.01
N ALA A 20 -10.16 9.75 0.73
CA ALA A 20 -10.26 9.75 2.19
C ALA A 20 -10.91 11.04 2.71
N ALA A 21 -10.52 12.19 2.14
CA ALA A 21 -11.08 13.47 2.56
C ALA A 21 -12.59 13.49 2.39
N ARG A 22 -13.08 12.94 1.28
CA ARG A 22 -14.52 13.00 1.08
C ARG A 22 -15.27 11.90 1.82
N GLU A 23 -14.79 10.65 1.77
CA GLU A 23 -15.59 9.55 2.29
C GLU A 23 -15.41 9.33 3.78
N ILE A 24 -14.27 9.67 4.33
CA ILE A 24 -14.01 9.39 5.74
C ILE A 24 -14.14 10.69 6.53
N GLY A 25 -13.35 11.69 6.16
CA GLY A 25 -13.56 13.00 6.71
C GLY A 25 -14.68 13.68 5.96
N ASP A 26 -15.28 14.69 6.53
CA ASP A 26 -16.27 15.23 5.62
C ASP A 26 -15.72 16.58 5.15
N VAL A 27 -14.48 16.57 4.60
CA VAL A 27 -13.70 17.79 4.47
C VAL A 27 -13.00 17.84 3.12
N SER A 28 -12.41 19.01 2.83
CA SER A 28 -11.68 19.20 1.61
C SER A 28 -10.36 18.43 1.64
N PRO A 29 -9.77 18.16 0.49
CA PRO A 29 -8.40 17.59 0.48
C PRO A 29 -7.42 18.41 1.30
N ARG A 30 -7.50 19.74 1.29
CA ARG A 30 -6.52 20.55 2.02
C ARG A 30 -6.57 20.25 3.51
N SER A 31 -7.78 20.04 4.05
CA SER A 31 -7.90 19.70 5.46
C SER A 31 -7.31 18.32 5.76
N TRP A 32 -7.57 17.34 4.90
CA TRP A 32 -6.98 16.02 5.12
C TRP A 32 -5.46 16.08 5.05
N GLN A 33 -4.94 16.88 4.11
CA GLN A 33 -3.50 17.12 4.04
C GLN A 33 -2.97 17.70 5.34
N TYR A 34 -3.71 18.63 5.95
CA TYR A 34 -3.25 19.19 7.22
C TYR A 34 -3.24 18.13 8.31
N TRP A 35 -4.27 17.28 8.35
CA TRP A 35 -4.27 16.16 9.30
C TRP A 35 -3.06 15.24 9.07
N GLU A 36 -2.65 15.06 7.80
CA GLU A 36 -1.54 14.16 7.51
C GLU A 36 -0.17 14.81 7.69
N SER A 37 -0.09 16.14 7.77
CA SER A 37 1.19 16.79 7.99
C SER A 37 1.37 17.29 9.43
N GLY A 38 0.34 17.22 10.27
CA GLY A 38 0.47 17.68 11.64
C GLY A 38 0.07 19.12 11.87
N ARG A 39 -0.40 19.80 10.83
CA ARG A 39 -0.81 21.21 10.94
C ARG A 39 -2.10 21.38 11.73
N SER A 40 -3.00 20.39 11.67
CA SER A 40 -4.19 20.32 12.50
C SER A 40 -4.31 18.93 13.11
N PRO A 41 -4.81 18.82 14.34
CA PRO A 41 -4.97 17.50 14.97
C PRO A 41 -5.97 16.64 14.21
N VAL A 42 -5.70 15.34 14.23
CA VAL A 42 -6.58 14.34 13.62
C VAL A 42 -7.82 14.16 14.50
N PRO A 43 -9.02 14.44 14.01
CA PRO A 43 -10.23 14.23 14.83
C PRO A 43 -10.39 12.76 15.19
N ASP A 44 -10.89 12.52 16.41
CA ASP A 44 -10.97 11.15 16.92
C ASP A 44 -11.95 10.28 16.13
N ASP A 45 -13.02 10.87 15.59
CA ASP A 45 -13.93 10.10 14.73
C ASP A 45 -13.21 9.59 13.50
N VAL A 46 -12.35 10.42 12.91
CA VAL A 46 -11.58 10.01 11.74
C VAL A 46 -10.61 8.91 12.11
N ALA A 47 -9.88 9.09 13.22
CA ALA A 47 -8.98 8.04 13.69
C ALA A 47 -9.71 6.73 13.89
N ASN A 48 -10.93 6.78 14.45
CA ASN A 48 -11.71 5.57 14.64
C ASN A 48 -12.09 4.92 13.31
N GLN A 49 -12.57 5.73 12.35
CA GLN A 49 -12.92 5.14 11.05
C GLN A 49 -11.71 4.50 10.38
N ILE A 50 -10.55 5.15 10.49
CA ILE A 50 -9.33 4.62 9.87
C ILE A 50 -8.94 3.29 10.52
N ARG A 51 -9.01 3.21 11.85
CA ARG A 51 -8.70 1.95 12.51
C ARG A 51 -9.70 0.86 12.16
N ASN A 52 -10.98 1.21 12.01
CA ASN A 52 -11.95 0.19 11.62
C ASN A 52 -11.69 -0.30 10.20
N LEU A 53 -11.32 0.60 9.28
CA LEU A 53 -10.96 0.15 7.94
C LEU A 53 -9.72 -0.74 7.96
N THR A 54 -8.75 -0.40 8.81
CA THR A 54 -7.55 -1.22 8.95
C THR A 54 -7.90 -2.62 9.46
N ASP A 55 -8.81 -2.67 10.43
CA ASP A 55 -9.34 -3.95 10.92
C ASP A 55 -10.03 -4.72 9.80
N MET A 56 -10.79 -4.03 8.94
CA MET A 56 -11.44 -4.77 7.87
C MET A 56 -10.42 -5.31 6.88
N ARG A 57 -9.36 -4.55 6.61
CA ARG A 57 -8.31 -5.09 5.76
C ARG A 57 -7.77 -6.40 6.36
N TYR A 58 -7.53 -6.38 7.68
CA TYR A 58 -7.04 -7.56 8.36
C TYR A 58 -8.03 -8.72 8.25
N GLN A 59 -9.33 -8.45 8.46
CA GLN A 59 -10.34 -9.50 8.41
C GLN A 59 -10.45 -10.11 7.03
N LEU A 60 -10.44 -9.26 5.99
CA LEU A 60 -10.49 -9.74 4.61
C LEU A 60 -9.27 -10.57 4.30
N LEU A 61 -8.10 -10.15 4.78
CA LEU A 61 -6.91 -10.97 4.59
C LEU A 61 -7.11 -12.35 5.22
N GLU A 62 -7.69 -12.40 6.43
CA GLU A 62 -7.92 -13.68 7.09
C GLU A 62 -8.90 -14.56 6.32
N LEU A 63 -10.00 -13.96 5.82
CA LEU A 63 -10.94 -14.74 5.04
C LEU A 63 -10.30 -15.28 3.78
N ARG A 64 -9.50 -14.45 3.08
CA ARG A 64 -8.83 -14.97 1.89
C ARG A 64 -7.84 -16.08 2.26
N THR A 65 -7.20 -15.98 3.42
CA THR A 65 -6.30 -17.02 3.88
C THR A 65 -7.04 -18.34 4.12
N GLU A 66 -8.23 -18.27 4.72
CA GLU A 66 -9.08 -19.44 4.87
C GLU A 66 -9.48 -20.04 3.53
N GLN A 67 -9.85 -19.19 2.57
CA GLN A 67 -10.14 -19.68 1.23
C GLN A 67 -8.93 -20.39 0.62
N ILE A 68 -7.73 -19.82 0.81
CA ILE A 68 -6.52 -20.45 0.28
C ILE A 68 -6.31 -21.82 0.91
N GLU A 69 -6.64 -21.93 2.19
CA GLU A 69 -6.61 -23.22 2.87
C GLU A 69 -7.51 -24.23 2.18
N LYS A 70 -8.77 -23.85 1.94
CA LYS A 70 -9.73 -24.79 1.34
C LYS A 70 -9.34 -25.16 -0.10
N ALA A 71 -8.80 -24.22 -0.88
CA ALA A 71 -8.59 -24.47 -2.30
C ALA A 71 -7.46 -25.47 -2.57
N GLY A 72 -6.43 -25.50 -1.73
CA GLY A 72 -5.28 -26.34 -2.02
C GLY A 72 -4.34 -25.80 -3.06
N LYS A 73 -4.62 -24.63 -3.62
CA LYS A 73 -3.74 -23.93 -4.54
C LYS A 73 -3.93 -22.45 -4.26
N PRO A 74 -3.02 -21.60 -4.72
CA PRO A 74 -3.32 -20.16 -4.71
C PRO A 74 -4.65 -19.91 -5.41
N ILE A 75 -5.47 -19.06 -4.81
CA ILE A 75 -6.75 -18.68 -5.41
C ILE A 75 -6.48 -17.49 -6.31
N GLN A 76 -7.47 -17.14 -7.14
CA GLN A 76 -7.43 -15.95 -7.98
C GLN A 76 -8.26 -14.84 -7.35
N LEU A 77 -7.72 -13.62 -7.36
CA LEU A 77 -8.46 -12.45 -6.91
C LEU A 77 -8.55 -11.43 -8.06
N ASN A 78 -9.70 -10.79 -8.18
CA ASN A 78 -9.86 -9.70 -9.13
C ASN A 78 -9.10 -8.48 -8.64
N PHE A 79 -8.30 -7.90 -9.50
CA PHE A 79 -7.70 -6.60 -9.23
C PHE A 79 -8.42 -5.61 -10.12
N TYR A 80 -9.28 -4.80 -9.52
CA TYR A 80 -10.11 -3.87 -10.28
C TYR A 80 -9.32 -2.62 -10.58
N ARG A 81 -9.01 -2.39 -11.86
CA ARG A 81 -8.25 -1.20 -12.21
C ARG A 81 -9.06 0.07 -11.93
N THR A 82 -10.37 0.05 -12.18
CA THR A 82 -11.22 1.23 -12.03
C THR A 82 -12.45 0.93 -11.20
N LEU A 83 -13.07 2.01 -10.69
CA LEU A 83 -14.34 1.88 -9.97
C LEU A 83 -15.43 1.28 -10.85
N ASP A 84 -15.39 1.53 -12.17
CA ASP A 84 -16.34 0.87 -13.05
C ASP A 84 -16.16 -0.66 -13.03
N ASP A 85 -14.91 -1.12 -13.07
CA ASP A 85 -14.66 -2.56 -13.03
C ASP A 85 -15.23 -3.18 -11.76
N TYR A 86 -14.99 -2.53 -10.62
CA TYR A 86 -15.57 -2.97 -9.36
C TYR A 86 -17.09 -2.99 -9.43
N GLU A 87 -17.68 -1.91 -9.95
CA GLU A 87 -19.13 -1.77 -10.04
C GLU A 87 -19.74 -2.88 -10.87
N ALA A 88 -19.04 -3.28 -11.93
CA ALA A 88 -19.52 -4.35 -12.79
C ALA A 88 -19.77 -5.62 -11.98
N VAL A 89 -18.92 -5.91 -11.01
CA VAL A 89 -19.10 -7.10 -10.18
C VAL A 89 -20.12 -6.86 -9.06
N THR A 90 -20.03 -5.71 -8.37
CA THR A 90 -20.84 -5.52 -7.16
C THR A 90 -22.12 -4.73 -7.37
N GLY A 91 -22.22 -3.96 -8.46
CA GLY A 91 -23.35 -3.07 -8.65
C GLY A 91 -23.32 -1.77 -7.86
N LYS A 92 -22.25 -1.51 -7.12
CA LYS A 92 -22.18 -0.35 -6.23
C LYS A 92 -20.88 0.39 -6.49
N ARG A 93 -20.90 1.72 -6.43
CA ARG A 93 -19.68 2.52 -6.58
C ARG A 93 -19.12 2.91 -5.21
N ASP A 94 -18.73 1.89 -4.46
CA ASP A 94 -18.24 2.07 -3.09
C ASP A 94 -16.73 2.23 -3.15
N VAL A 95 -16.28 3.49 -3.05
CA VAL A 95 -14.88 3.83 -3.26
C VAL A 95 -13.98 3.13 -2.23
N VAL A 96 -14.35 3.24 -0.95
CA VAL A 96 -13.50 2.72 0.11
C VAL A 96 -13.38 1.21 0.03
N SER A 97 -14.50 0.51 -0.22
CA SER A 97 -14.43 -0.95 -0.36
C SER A 97 -13.63 -1.36 -1.58
N TRP A 98 -13.74 -0.58 -2.67
CA TRP A 98 -12.95 -0.85 -3.87
C TRP A 98 -11.45 -0.79 -3.54
N ARG A 99 -11.01 0.31 -2.94
CA ARG A 99 -9.59 0.42 -2.58
C ARG A 99 -9.19 -0.71 -1.64
N LEU A 100 -10.08 -1.12 -0.73
CA LEU A 100 -9.77 -2.23 0.17
C LEU A 100 -9.50 -3.49 -0.62
N THR A 101 -10.32 -3.77 -1.65
CA THR A 101 -10.07 -4.98 -2.43
C THR A 101 -8.71 -4.89 -3.11
N GLN A 102 -8.33 -3.69 -3.56
CA GLN A 102 -7.01 -3.52 -4.16
C GLN A 102 -5.90 -3.80 -3.15
N ALA A 103 -6.03 -3.26 -1.93
CA ALA A 103 -4.99 -3.43 -0.93
C ALA A 103 -4.82 -4.90 -0.54
N VAL A 104 -5.93 -5.59 -0.31
CA VAL A 104 -5.87 -7.02 0.05
C VAL A 104 -5.24 -7.83 -1.08
N ALA A 105 -5.75 -7.65 -2.29
CA ALA A 105 -5.26 -8.46 -3.41
C ALA A 105 -3.80 -8.19 -3.70
N ALA A 106 -3.38 -6.92 -3.68
CA ALA A 106 -2.00 -6.60 -3.95
C ALA A 106 -1.08 -7.23 -2.92
N THR A 107 -1.46 -7.15 -1.63
CA THR A 107 -0.64 -7.73 -0.57
C THR A 107 -0.49 -9.23 -0.76
N LEU A 108 -1.60 -9.93 -1.00
CA LEU A 108 -1.56 -11.38 -1.16
C LEU A 108 -0.78 -11.79 -2.38
N PHE A 109 -0.93 -11.03 -3.48
CA PHE A 109 -0.17 -11.33 -4.69
C PHE A 109 1.33 -11.14 -4.47
N ALA A 110 1.74 -10.06 -3.80
CA ALA A 110 3.17 -9.86 -3.57
C ALA A 110 3.76 -10.99 -2.72
N GLU A 111 2.99 -11.44 -1.73
CA GLU A 111 3.45 -12.48 -0.82
C GLU A 111 3.31 -13.90 -1.38
N GLY A 112 2.89 -14.04 -2.64
CA GLY A 112 2.87 -15.32 -3.32
C GLY A 112 1.67 -16.20 -3.04
N ASP A 113 0.68 -15.74 -2.28
CA ASP A 113 -0.45 -16.54 -1.85
C ASP A 113 -1.58 -16.59 -2.86
N VAL A 114 -1.56 -15.74 -3.88
CA VAL A 114 -2.73 -15.48 -4.71
C VAL A 114 -2.23 -15.12 -6.09
N THR A 115 -3.00 -15.45 -7.13
CA THR A 115 -2.78 -14.86 -8.46
C THR A 115 -3.87 -13.82 -8.75
N LEU A 116 -3.56 -12.88 -9.64
CA LEU A 116 -4.45 -11.78 -9.95
C LEU A 116 -5.07 -11.97 -11.33
N VAL A 117 -6.32 -11.56 -11.47
CA VAL A 117 -7.01 -11.54 -12.76
C VAL A 117 -7.86 -10.28 -12.79
N GLU A 118 -8.29 -9.91 -14.01
CA GLU A 118 -9.33 -8.88 -14.13
C GLU A 118 -10.74 -9.42 -13.96
N GLN A 119 -10.99 -10.72 -14.20
CA GLN A 119 -12.35 -11.24 -14.18
C GLN A 119 -12.56 -12.63 -13.60
N GLY A 120 -11.58 -13.51 -13.52
CA GLY A 120 -12.04 -14.75 -12.91
C GLY A 120 -12.10 -14.86 -11.38
N GLY A 121 -11.94 -13.77 -10.63
CA GLY A 121 -11.60 -13.90 -9.22
C GLY A 121 -12.67 -14.48 -8.28
N LEU A 122 -12.17 -15.09 -7.21
CA LEU A 122 -12.98 -15.73 -6.19
C LEU A 122 -13.76 -14.71 -5.36
N THR A 123 -15.04 -15.01 -5.15
CA THR A 123 -15.94 -14.15 -4.40
C THR A 123 -15.85 -14.44 -2.90
N LEU A 124 -16.29 -13.45 -2.11
CA LEU A 124 -16.31 -13.52 -0.64
C LEU A 124 -14.90 -13.56 -0.05
N MET B 1 4.73 -9.80 -17.43
CA MET B 1 3.89 -9.27 -16.35
C MET B 1 2.65 -8.60 -16.93
N THR B 2 1.47 -8.83 -16.36
CA THR B 2 0.29 -8.14 -16.89
C THR B 2 0.22 -6.71 -16.36
N HIS B 3 -0.67 -5.91 -16.99
CA HIS B 3 -0.79 -4.50 -16.62
C HIS B 3 -1.30 -4.32 -15.19
N TYR B 4 -2.23 -5.19 -14.75
CA TYR B 4 -2.77 -5.08 -13.39
C TYR B 4 -1.84 -5.68 -12.34
N GLU B 5 -1.04 -6.70 -12.69
CA GLU B 5 0.05 -7.14 -11.81
C GLU B 5 1.03 -5.99 -11.55
N LEU B 6 1.45 -5.32 -12.62
CA LEU B 6 2.35 -4.17 -12.49
C LEU B 6 1.74 -3.10 -11.61
N GLN B 7 0.48 -2.73 -11.86
CA GLN B 7 -0.16 -1.69 -11.06
C GLN B 7 -0.28 -2.10 -9.60
N ALA B 8 -0.71 -3.33 -9.33
CA ALA B 8 -0.88 -3.79 -7.95
C ALA B 8 0.43 -3.68 -7.18
N LEU B 9 1.53 -4.14 -7.78
CA LEU B 9 2.82 -4.07 -7.07
C LEU B 9 3.29 -2.63 -6.94
N ARG B 10 3.13 -1.83 -8.01
CA ARG B 10 3.54 -0.44 -7.95
C ARG B 10 2.83 0.28 -6.82
N LYS B 11 1.53 0.04 -6.67
CA LYS B 11 0.76 0.67 -5.59
C LYS B 11 1.16 0.12 -4.23
N LEU B 12 1.37 -1.19 -4.14
CA LEU B 12 1.75 -1.80 -2.85
C LEU B 12 3.08 -1.24 -2.37
N LEU B 13 4.06 -1.15 -3.30
CA LEU B 13 5.19 -0.28 -3.06
C LEU B 13 4.57 1.10 -3.02
N MET B 14 5.03 1.99 -2.21
CA MET B 14 4.07 3.10 -2.23
C MET B 14 4.47 4.14 -3.27
N LEU B 15 4.64 3.70 -4.51
CA LEU B 15 5.17 4.56 -5.57
C LEU B 15 4.05 5.34 -6.26
N GLU B 16 4.30 6.62 -6.52
CA GLU B 16 3.44 7.35 -7.45
C GLU B 16 3.83 6.96 -8.87
N VAL B 17 2.89 7.12 -9.81
CA VAL B 17 3.17 6.82 -11.21
C VAL B 17 4.35 7.64 -11.74
N SER B 18 4.41 8.94 -11.40
CA SER B 18 5.52 9.74 -11.92
C SER B 18 6.85 9.25 -11.36
N GLU B 19 6.86 8.80 -10.10
CA GLU B 19 8.08 8.26 -9.49
C GLU B 19 8.50 6.96 -10.15
N ALA B 20 7.55 6.04 -10.35
CA ALA B 20 7.88 4.79 -11.04
C ALA B 20 8.38 5.09 -12.46
N ALA B 21 7.71 6.00 -13.16
CA ALA B 21 8.08 6.32 -14.53
C ALA B 21 9.50 6.87 -14.62
N ARG B 22 9.88 7.74 -13.68
CA ARG B 22 11.21 8.32 -13.76
C ARG B 22 12.29 7.36 -13.24
N GLU B 23 12.06 6.70 -12.10
CA GLU B 23 13.13 5.92 -11.47
C GLU B 23 13.21 4.47 -11.95
N ILE B 24 12.10 3.86 -12.40
CA ILE B 24 12.12 2.45 -12.77
C ILE B 24 12.07 2.26 -14.29
N GLY B 25 11.03 2.80 -14.94
CA GLY B 25 11.06 2.88 -16.37
C GLY B 25 11.90 4.06 -16.78
N ASP B 26 12.38 4.13 -17.99
CA ASP B 26 13.04 5.41 -18.20
C ASP B 26 12.14 6.24 -19.09
N VAL B 27 10.89 6.43 -18.66
CA VAL B 27 9.83 6.83 -19.56
C VAL B 27 8.97 7.94 -18.95
N SER B 28 8.08 8.47 -19.77
CA SER B 28 7.15 9.51 -19.33
C SER B 28 6.08 8.91 -18.43
N PRO B 29 5.43 9.73 -17.59
CA PRO B 29 4.26 9.23 -16.85
C PRO B 29 3.23 8.57 -17.77
N ARG B 30 3.00 9.12 -18.97
CA ARG B 30 2.00 8.55 -19.86
C ARG B 30 2.37 7.14 -20.28
N SER B 31 3.66 6.89 -20.54
CA SER B 31 4.06 5.55 -20.93
C SER B 31 3.83 4.56 -19.80
N TRP B 32 4.13 4.96 -18.55
CA TRP B 32 3.86 4.06 -17.43
C TRP B 32 2.37 3.81 -17.27
N GLN B 33 1.56 4.86 -17.44
CA GLN B 33 0.11 4.70 -17.41
C GLN B 33 -0.35 3.69 -18.44
N TYR B 34 0.24 3.74 -19.64
CA TYR B 34 -0.10 2.76 -20.66
C TYR B 34 0.29 1.35 -20.22
N TRP B 35 1.48 1.18 -19.62
CA TRP B 35 1.84 -0.14 -19.10
C TRP B 35 0.84 -0.61 -18.05
N GLU B 36 0.29 0.32 -17.26
CA GLU B 36 -0.64 -0.10 -16.19
C GLU B 36 -2.07 -0.28 -16.68
N SER B 37 -2.43 0.24 -17.86
CA SER B 37 -3.79 0.06 -18.38
C SER B 37 -3.87 -1.01 -19.46
N GLY B 38 -2.74 -1.53 -19.92
CA GLY B 38 -2.73 -2.57 -20.94
C GLY B 38 -2.60 -2.08 -22.36
N ARG B 39 -2.48 -0.78 -22.58
CA ARG B 39 -2.34 -0.24 -23.93
C ARG B 39 -0.96 -0.49 -24.54
N SER B 40 0.07 -0.62 -23.71
CA SER B 40 1.38 -1.08 -24.15
C SER B 40 1.87 -2.20 -23.24
N PRO B 41 2.57 -3.19 -23.80
CA PRO B 41 3.07 -4.30 -22.99
C PRO B 41 4.12 -3.85 -21.97
N VAL B 42 4.13 -4.55 -20.84
CA VAL B 42 5.07 -4.24 -19.77
C VAL B 42 6.44 -4.76 -20.18
N PRO B 43 7.45 -3.91 -20.31
CA PRO B 43 8.79 -4.40 -20.69
C PRO B 43 9.33 -5.37 -19.64
N ASP B 44 10.08 -6.34 -20.14
CA ASP B 44 10.52 -7.39 -19.24
C ASP B 44 11.51 -6.87 -18.20
N ASP B 45 12.33 -5.88 -18.58
CA ASP B 45 13.25 -5.27 -17.62
C ASP B 45 12.49 -4.56 -16.51
N VAL B 46 11.41 -3.86 -16.86
CA VAL B 46 10.60 -3.19 -15.84
C VAL B 46 9.97 -4.19 -14.90
N ALA B 47 9.36 -5.24 -15.47
CA ALA B 47 8.78 -6.29 -14.63
C ALA B 47 9.81 -6.89 -13.69
N ASN B 48 11.04 -7.12 -14.19
CA ASN B 48 12.09 -7.63 -13.31
C ASN B 48 12.40 -6.65 -12.18
N GLN B 49 12.49 -5.35 -12.51
CA GLN B 49 12.79 -4.36 -11.46
C GLN B 49 11.70 -4.35 -10.40
N ILE B 50 10.45 -4.43 -10.84
CA ILE B 50 9.32 -4.42 -9.92
C ILE B 50 9.35 -5.67 -9.03
N ARG B 51 9.62 -6.83 -9.62
CA ARG B 51 9.66 -8.04 -8.81
C ARG B 51 10.78 -7.95 -7.78
N ASN B 52 11.92 -7.37 -8.16
CA ASN B 52 13.02 -7.25 -7.21
C ASN B 52 12.70 -6.27 -6.08
N LEU B 53 12.03 -5.15 -6.40
CA LEU B 53 11.60 -4.24 -5.33
C LEU B 53 10.62 -4.92 -4.38
N THR B 54 9.73 -5.77 -4.93
CA THR B 54 8.80 -6.54 -4.10
C THR B 54 9.55 -7.52 -3.20
N ASP B 55 10.59 -8.17 -3.73
CA ASP B 55 11.45 -9.02 -2.91
C ASP B 55 12.11 -8.22 -1.79
N MET B 56 12.55 -7.00 -2.11
CA MET B 56 13.18 -6.18 -1.08
C MET B 56 12.18 -5.83 0.00
N ARG B 57 10.92 -5.57 -0.39
CA ARG B 57 9.88 -5.32 0.60
C ARG B 57 9.74 -6.50 1.54
N TYR B 58 9.66 -7.70 0.98
CA TYR B 58 9.52 -8.90 1.79
C TYR B 58 10.73 -9.07 2.71
N GLN B 59 11.93 -8.82 2.18
CA GLN B 59 13.16 -8.98 2.93
C GLN B 59 13.25 -7.98 4.08
N LEU B 60 12.89 -6.72 3.84
CA LEU B 60 12.88 -5.74 4.91
C LEU B 60 11.86 -6.13 5.98
N LEU B 61 10.70 -6.65 5.55
CA LEU B 61 9.72 -7.13 6.53
C LEU B 61 10.32 -8.24 7.39
N GLU B 62 11.04 -9.15 6.77
CA GLU B 62 11.65 -10.25 7.52
C GLU B 62 12.67 -9.73 8.52
N LEU B 63 13.55 -8.82 8.09
CA LEU B 63 14.57 -8.28 9.00
C LEU B 63 13.96 -7.52 10.16
N ARG B 64 12.93 -6.69 9.90
CA ARG B 64 12.28 -5.98 11.00
C ARG B 64 11.58 -6.96 11.94
N THR B 65 11.04 -8.04 11.38
CA THR B 65 10.39 -9.05 12.21
C THR B 65 11.41 -9.74 13.13
N GLU B 66 12.61 -10.01 12.60
CA GLU B 66 13.71 -10.53 13.41
C GLU B 66 14.13 -9.53 14.49
N GLN B 67 14.20 -8.24 14.14
CA GLN B 67 14.51 -7.23 15.14
C GLN B 67 13.48 -7.23 16.27
N ILE B 68 12.20 -7.41 15.93
CA ILE B 68 11.13 -7.45 16.92
C ILE B 68 11.27 -8.69 17.79
N GLU B 69 11.63 -9.83 17.18
CA GLU B 69 11.89 -11.05 17.94
C GLU B 69 12.98 -10.83 18.96
N LYS B 70 14.11 -10.26 18.54
CA LYS B 70 15.23 -10.03 19.44
C LYS B 70 14.87 -9.02 20.53
N ALA B 71 14.07 -8.01 20.19
CA ALA B 71 13.76 -7.00 21.19
C ALA B 71 12.85 -7.54 22.28
N GLY B 72 12.00 -8.51 21.94
CA GLY B 72 11.03 -9.00 22.90
C GLY B 72 9.87 -8.07 23.14
N LYS B 73 9.80 -6.94 22.44
CA LYS B 73 8.72 -5.98 22.51
C LYS B 73 8.57 -5.35 21.13
N PRO B 74 7.46 -4.67 20.85
CA PRO B 74 7.38 -3.83 19.64
C PRO B 74 8.55 -2.84 19.55
N ILE B 75 9.09 -2.67 18.35
CA ILE B 75 10.11 -1.66 18.08
C ILE B 75 9.47 -0.41 17.50
N GLN B 76 10.24 0.68 17.44
CA GLN B 76 9.82 1.94 16.83
C GLN B 76 10.41 2.06 15.43
N LEU B 77 9.57 2.41 14.45
CA LEU B 77 10.04 2.62 13.08
C LEU B 77 9.76 4.04 12.68
N ASN B 78 10.72 4.63 11.97
CA ASN B 78 10.52 5.95 11.39
C ASN B 78 9.55 5.84 10.23
N PHE B 79 8.58 6.71 10.21
CA PHE B 79 7.74 6.90 9.05
C PHE B 79 8.07 8.27 8.47
N TYR B 80 8.76 8.29 7.34
CA TYR B 80 9.22 9.54 6.72
C TYR B 80 8.11 10.15 5.88
N ARG B 81 7.59 11.30 6.32
CA ARG B 81 6.54 11.96 5.56
C ARG B 81 7.05 12.48 4.22
N THR B 82 8.28 12.98 4.17
CA THR B 82 8.79 13.58 2.95
C THR B 82 10.16 12.99 2.61
N LEU B 83 10.56 13.19 1.35
CA LEU B 83 11.89 12.78 0.91
C LEU B 83 12.98 13.50 1.69
N ASP B 84 12.71 14.73 2.13
CA ASP B 84 13.66 15.44 2.99
C ASP B 84 13.89 14.71 4.33
N ASP B 85 12.82 14.18 4.95
CA ASP B 85 12.95 13.43 6.19
C ASP B 85 13.79 12.17 5.98
N TYR B 86 13.49 11.45 4.90
CA TYR B 86 14.27 10.29 4.52
C TYR B 86 15.75 10.66 4.36
N GLU B 87 16.01 11.71 3.59
CA GLU B 87 17.40 12.11 3.32
C GLU B 87 18.11 12.53 4.60
N ALA B 88 17.39 13.17 5.52
CA ALA B 88 18.01 13.59 6.78
C ALA B 88 18.59 12.39 7.50
N VAL B 89 17.91 11.23 7.43
CA VAL B 89 18.44 10.06 8.11
C VAL B 89 19.47 9.30 7.26
N THR B 90 19.18 9.07 5.98
CA THR B 90 19.99 8.16 5.20
C THR B 90 21.11 8.85 4.43
N GLY B 91 21.02 10.15 4.22
CA GLY B 91 21.97 10.86 3.39
C GLY B 91 21.74 10.73 1.90
N LYS B 92 20.66 10.05 1.46
CA LYS B 92 20.40 9.81 0.05
C LYS B 92 18.96 10.20 -0.26
N ARG B 93 18.75 10.81 -1.43
CA ARG B 93 17.41 11.16 -1.91
C ARG B 93 16.90 10.10 -2.89
N ASP B 94 16.82 8.89 -2.35
CA ASP B 94 16.49 7.71 -3.12
C ASP B 94 14.97 7.56 -3.04
N VAL B 95 14.25 8.00 -4.07
CA VAL B 95 12.78 8.02 -3.99
C VAL B 95 12.23 6.62 -3.76
N VAL B 96 12.73 5.63 -4.51
CA VAL B 96 12.17 4.29 -4.46
C VAL B 96 12.37 3.65 -3.08
N SER B 97 13.58 3.76 -2.54
CA SER B 97 13.85 3.20 -1.22
C SER B 97 13.02 3.90 -0.15
N TRP B 98 12.79 5.21 -0.30
CA TRP B 98 11.96 5.94 0.66
C TRP B 98 10.55 5.36 0.69
N ARG B 99 9.93 5.21 -0.49
CA ARG B 99 8.60 4.65 -0.58
C ARG B 99 8.56 3.24 0.01
N LEU B 100 9.62 2.46 -0.22
CA LEU B 100 9.73 1.13 0.38
C LEU B 100 9.71 1.19 1.91
N THR B 101 10.44 2.15 2.52
CA THR B 101 10.40 2.25 3.97
C THR B 101 8.99 2.57 4.44
N GLN B 102 8.29 3.41 3.68
CA GLN B 102 6.90 3.73 4.05
C GLN B 102 6.02 2.49 4.01
N ALA B 103 6.14 1.68 2.96
CA ALA B 103 5.29 0.50 2.80
C ALA B 103 5.56 -0.52 3.91
N VAL B 104 6.83 -0.77 4.21
CA VAL B 104 7.19 -1.71 5.27
C VAL B 104 6.65 -1.22 6.60
N ALA B 105 6.90 0.06 6.90
CA ALA B 105 6.50 0.59 8.21
C ALA B 105 4.99 0.59 8.34
N ALA B 106 4.27 0.97 7.29
CA ALA B 106 2.81 0.98 7.35
C ALA B 106 2.24 -0.42 7.56
N THR B 107 2.77 -1.44 6.85
CA THR B 107 2.21 -2.79 7.07
C THR B 107 2.45 -3.26 8.50
N LEU B 108 3.67 -3.08 9.00
CA LEU B 108 3.96 -3.53 10.36
C LEU B 108 3.15 -2.74 11.38
N PHE B 109 2.96 -1.44 11.17
CA PHE B 109 2.13 -0.68 12.10
C PHE B 109 0.70 -1.18 12.10
N ALA B 110 0.16 -1.49 10.91
CA ALA B 110 -1.21 -1.96 10.86
C ALA B 110 -1.36 -3.28 11.60
N GLU B 111 -0.35 -4.15 11.52
CA GLU B 111 -0.46 -5.43 12.22
C GLU B 111 -0.15 -5.34 13.72
N GLY B 112 0.19 -4.17 14.24
CA GLY B 112 0.43 -4.03 15.68
C GLY B 112 1.82 -4.44 16.13
N ASP B 113 2.71 -4.80 15.21
CA ASP B 113 4.03 -5.31 15.54
C ASP B 113 5.01 -4.19 15.88
N VAL B 114 4.64 -2.94 15.63
CA VAL B 114 5.56 -1.82 15.60
C VAL B 114 4.81 -0.57 16.05
N THR B 115 5.51 0.37 16.66
CA THR B 115 4.96 1.71 16.77
C THR B 115 5.70 2.60 15.76
N LEU B 116 5.05 3.67 15.34
CA LEU B 116 5.66 4.58 14.39
C LEU B 116 6.10 5.83 15.15
N VAL B 117 7.19 6.43 14.68
CA VAL B 117 7.66 7.71 15.19
C VAL B 117 8.07 8.52 13.98
N GLU B 118 8.14 9.86 14.13
CA GLU B 118 8.73 10.59 13.01
C GLU B 118 10.26 10.63 13.10
N GLN B 119 10.83 10.45 14.30
CA GLN B 119 12.27 10.47 14.45
C GLN B 119 12.68 9.50 15.56
N GLY B 120 13.88 8.99 15.44
CA GLY B 120 14.43 8.15 16.50
C GLY B 120 14.13 6.69 16.37
N GLY B 121 13.55 6.27 15.24
CA GLY B 121 13.16 4.88 15.11
C GLY B 121 14.37 3.97 14.99
N LEU B 122 14.16 2.68 15.28
CA LEU B 122 15.25 1.72 15.19
C LEU B 122 15.71 1.56 13.75
N THR B 123 17.00 1.72 13.51
CA THR B 123 17.52 1.63 12.15
C THR B 123 17.91 0.20 11.80
N LEU B 124 17.94 -0.08 10.50
CA LEU B 124 18.25 -1.44 10.04
C LEU B 124 19.44 -1.47 9.09
#